data_6UJQ
#
_entry.id   6UJQ
#
_cell.length_a   97.027
_cell.length_b   38.282
_cell.length_c   116.350
_cell.angle_alpha   90.000
_cell.angle_beta   92.273
_cell.angle_gamma   90.000
#
_symmetry.space_group_name_H-M   'C 1 2 1'
#
loop_
_entity.id
_entity.type
_entity.pdbx_description
1 polymer 'MHC class I antigen'
2 polymer Beta-2-microglobulin
3 polymer 'Protein-cysteine N-palmitoyltransferase HHAT'
4 water water
#
loop_
_entity_poly.entity_id
_entity_poly.type
_entity_poly.pdbx_seq_one_letter_code
_entity_poly.pdbx_strand_id
1 'polypeptide(L)'
;MGSHSMRYFYTSVSRPGRGEPRFIAVGYVDDTQFVRFDSDAASQRMEPRAPWIEQEGPEYWDGETRKVKAHSQTHRVDLG
TLRGYYNQSEAGSHTVQRMYGCDVGSDWRFLRGYHQYAYDGKDYIALKEDLRSWTAADMAAQTTKHKWEAAHVAEQLRAY
LEGTCVEWLRRYLENGKETLQRTDAPKTHMTHHAVSDHEATLRCWALSFYPAEITLTWQRDGEDQTQDTELVETRPAGDG
TFQKWAAVVVPSGQEQRYTCHVQHEGLPKPLTLRWE
;
A
2 'polypeptide(L)'
;MIQRTPKIQVYSRHPAENGKSNFLNCYVSGFHPSDIEVDLLKNGERIEKVEHSDLSFSKDWSFYLLYYTEFTPTEKDEYA
CRVNHVTLSQPKIVKWDRDM
;
B
3 'polypeptide(L)' KQWLVWLLL C
#
# COMPACT_ATOMS: atom_id res chain seq x y z
N GLY A 2 -7.25 8.90 -17.28
CA GLY A 2 -6.80 9.57 -16.08
C GLY A 2 -7.81 9.54 -14.94
N SER A 3 -8.21 8.33 -14.53
CA SER A 3 -9.13 8.19 -13.42
C SER A 3 -8.42 8.47 -12.09
N HIS A 4 -9.21 8.81 -11.08
CA HIS A 4 -8.71 9.11 -9.75
C HIS A 4 -9.55 8.38 -8.71
N SER A 5 -9.04 8.33 -7.48
CA SER A 5 -9.71 7.61 -6.41
C SER A 5 -9.41 8.26 -5.07
N MET A 6 -10.32 8.07 -4.12
CA MET A 6 -10.08 8.41 -2.72
C MET A 6 -10.44 7.21 -1.86
N ARG A 7 -9.57 6.91 -0.89
CA ARG A 7 -9.65 5.68 -0.14
C ARG A 7 -9.33 5.93 1.33
N TYR A 8 -10.11 5.34 2.22
CA TYR A 8 -9.87 5.40 3.65
C TYR A 8 -9.69 3.98 4.17
N PHE A 9 -8.62 3.78 4.95
CA PHE A 9 -8.23 2.48 5.49
C PHE A 9 -8.16 2.57 7.01
N TYR A 10 -8.82 1.64 7.69
CA TYR A 10 -8.81 1.57 9.14
C TYR A 10 -8.42 0.17 9.58
N THR A 11 -7.46 0.09 10.49
CA THR A 11 -7.01 -1.18 11.05
C THR A 11 -7.09 -1.11 12.57
N SER A 12 -7.69 -2.13 13.18
CA SER A 12 -7.83 -2.19 14.63
C SER A 12 -7.39 -3.58 15.08
N VAL A 13 -6.36 -3.62 15.93
CA VAL A 13 -5.75 -4.86 16.38
C VAL A 13 -5.92 -4.94 17.89
N SER A 14 -6.60 -5.98 18.36
CA SER A 14 -6.81 -6.13 19.78
C SER A 14 -5.51 -6.56 20.46
N ARG A 15 -5.30 -6.06 21.67
CA ARG A 15 -4.13 -6.38 22.48
C ARG A 15 -4.63 -6.89 23.83
N PRO A 16 -4.93 -8.19 23.93
CA PRO A 16 -5.51 -8.72 25.17
C PRO A 16 -4.52 -8.60 26.32
N GLY A 17 -4.98 -8.01 27.43
CA GLY A 17 -4.14 -7.80 28.59
C GLY A 17 -3.13 -6.68 28.47
N ARG A 18 -3.12 -5.94 27.36
CA ARG A 18 -2.16 -4.86 27.14
C ARG A 18 -2.85 -3.53 26.91
N GLY A 19 -4.10 -3.37 27.37
CA GLY A 19 -4.80 -2.12 27.21
C GLY A 19 -5.86 -2.13 26.13
N GLU A 20 -6.08 -0.98 25.49
CA GLU A 20 -7.06 -0.79 24.42
C GLU A 20 -6.49 -1.27 23.09
N PRO A 21 -7.34 -1.51 22.09
CA PRO A 21 -6.85 -1.98 20.79
C PRO A 21 -6.08 -0.88 20.05
N ARG A 22 -5.03 -1.29 19.36
CA ARG A 22 -4.28 -0.36 18.52
C ARG A 22 -5.10 -0.02 17.28
N PHE A 23 -5.31 1.27 17.03
CA PHE A 23 -6.11 1.74 15.91
C PHE A 23 -5.27 2.66 15.03
N ILE A 24 -5.23 2.35 13.73
CA ILE A 24 -4.46 3.13 12.76
C ILE A 24 -5.36 3.41 11.55
N ALA A 25 -5.54 4.68 11.23
CA ALA A 25 -6.34 5.11 10.08
C ALA A 25 -5.46 5.91 9.13
N VAL A 26 -5.67 5.68 7.83
CA VAL A 26 -4.88 6.33 6.77
C VAL A 26 -5.82 6.73 5.65
N GLY A 27 -5.55 7.89 5.06
CA GLY A 27 -6.35 8.39 3.94
C GLY A 27 -5.48 8.61 2.71
N TYR A 28 -5.95 8.14 1.57
CA TYR A 28 -5.23 8.23 0.31
C TYR A 28 -6.08 8.94 -0.74
N VAL A 29 -5.42 9.77 -1.54
CA VAL A 29 -5.94 10.21 -2.82
C VAL A 29 -5.02 9.59 -3.87
N ASP A 30 -5.57 8.69 -4.68
CA ASP A 30 -4.77 7.86 -5.57
C ASP A 30 -3.64 7.27 -4.75
N ASP A 31 -2.39 7.45 -5.19
CA ASP A 31 -1.24 6.86 -4.52
C ASP A 31 -0.56 7.77 -3.51
N THR A 32 -1.25 8.81 -3.04
CA THR A 32 -0.67 9.80 -2.13
C THR A 32 -1.45 9.80 -0.82
N GLN A 33 -0.76 9.49 0.27
CA GLN A 33 -1.35 9.58 1.60
C GLN A 33 -1.44 11.03 2.03
N PHE A 34 -2.59 11.43 2.55
CA PHE A 34 -2.78 12.82 2.96
C PHE A 34 -3.24 13.02 4.39
N VAL A 35 -3.85 12.01 5.04
CA VAL A 35 -4.21 12.11 6.44
C VAL A 35 -3.80 10.82 7.15
N ARG A 36 -3.83 10.87 8.49
CA ARG A 36 -3.33 9.79 9.31
C ARG A 36 -3.81 9.98 10.73
N PHE A 37 -4.19 8.87 11.38
CA PHE A 37 -4.53 8.86 12.80
C PHE A 37 -3.97 7.60 13.45
N ASP A 38 -3.37 7.78 14.62
CA ASP A 38 -2.79 6.68 15.38
C ASP A 38 -3.20 6.82 16.84
N SER A 39 -3.87 5.79 17.38
CA SER A 39 -4.33 5.84 18.76
C SER A 39 -3.18 5.88 19.76
N ASP A 40 -1.97 5.51 19.34
CA ASP A 40 -0.79 5.60 20.18
C ASP A 40 -0.04 6.91 20.04
N ALA A 41 -0.51 7.81 19.19
CA ALA A 41 0.12 9.13 19.06
C ALA A 41 -0.47 10.07 20.10
N ALA A 42 0.36 11.05 20.51
CA ALA A 42 -0.06 11.92 21.61
C ALA A 42 -1.10 12.95 21.19
N SER A 43 -1.09 13.31 19.92
CA SER A 43 -2.00 14.37 19.42
C SER A 43 -3.46 14.02 19.61
N GLN A 44 -3.85 12.79 19.28
CA GLN A 44 -5.25 12.30 19.32
C GLN A 44 -6.10 13.10 18.32
N ARG A 45 -5.52 13.46 17.20
CA ARG A 45 -6.20 14.23 16.17
C ARG A 45 -5.80 13.71 14.80
N MET A 46 -6.65 13.95 13.81
CA MET A 46 -6.31 13.64 12.44
C MET A 46 -5.14 14.52 12.00
N GLU A 47 -4.05 13.88 11.54
CA GLU A 47 -2.87 14.65 11.21
C GLU A 47 -2.64 14.70 9.71
N PRO A 48 -2.16 15.83 9.18
CA PRO A 48 -1.90 15.92 7.74
C PRO A 48 -0.66 15.12 7.35
N ARG A 49 -0.69 14.64 6.10
CA ARG A 49 0.45 13.93 5.53
C ARG A 49 0.81 14.43 4.14
N ALA A 50 0.01 15.32 3.54
CA ALA A 50 0.30 16.01 2.31
C ALA A 50 0.28 17.52 2.55
N PRO A 51 1.00 18.30 1.76
CA PRO A 51 1.00 19.75 1.98
C PRO A 51 -0.32 20.42 1.60
N TRP A 52 -1.04 19.87 0.62
CA TRP A 52 -2.25 20.54 0.12
C TRP A 52 -3.44 20.35 1.04
N ILE A 53 -3.38 19.44 2.01
CA ILE A 53 -4.47 19.27 2.95
C ILE A 53 -4.34 20.21 4.15
N GLU A 54 -3.16 20.79 4.38
CA GLU A 54 -2.98 21.75 5.46
C GLU A 54 -3.71 23.06 5.21
N GLN A 55 -4.25 23.27 4.00
CA GLN A 55 -5.04 24.46 3.74
C GLN A 55 -6.35 24.47 4.51
N GLU A 56 -6.82 23.30 4.93
CA GLU A 56 -8.12 23.20 5.59
C GLU A 56 -8.06 23.85 6.97
N GLY A 57 -9.17 24.49 7.34
CA GLY A 57 -9.24 25.18 8.60
C GLY A 57 -9.51 24.24 9.75
N PRO A 58 -9.67 24.84 10.93
CA PRO A 58 -9.90 24.03 12.13
C PRO A 58 -11.20 23.25 12.10
N GLU A 59 -12.21 23.73 11.36
CA GLU A 59 -13.49 23.02 11.29
C GLU A 59 -13.32 21.66 10.61
N TYR A 60 -12.60 21.62 9.50
CA TYR A 60 -12.35 20.36 8.81
C TYR A 60 -11.62 19.38 9.71
N TRP A 61 -10.55 19.82 10.37
CA TRP A 61 -9.75 18.91 11.17
C TRP A 61 -10.51 18.46 12.42
N ASP A 62 -11.30 19.34 13.01
CA ASP A 62 -12.14 18.93 14.14
C ASP A 62 -13.16 17.87 13.72
N GLY A 63 -13.83 18.09 12.58
CA GLY A 63 -14.79 17.12 12.10
C GLY A 63 -14.14 15.79 11.76
N GLU A 64 -12.98 15.85 11.11
CA GLU A 64 -12.23 14.63 10.72
C GLU A 64 -11.80 13.88 11.98
N THR A 65 -11.35 14.61 13.01
CA THR A 65 -10.88 13.99 14.25
C THR A 65 -12.06 13.34 14.96
N ARG A 66 -13.24 13.91 14.86
CA ARG A 66 -14.44 13.37 15.54
C ARG A 66 -14.82 12.05 14.90
N LYS A 67 -14.83 12.01 13.58
CA LYS A 67 -15.24 10.84 12.80
C LYS A 67 -14.23 9.73 12.92
N VAL A 68 -12.95 10.04 13.00
CA VAL A 68 -11.88 9.01 13.14
C VAL A 68 -11.95 8.46 14.56
N LYS A 69 -12.30 9.28 15.54
CA LYS A 69 -12.56 8.75 16.86
C LYS A 69 -13.76 7.81 16.85
N ALA A 70 -14.82 8.20 16.13
CA ALA A 70 -16.00 7.35 16.03
C ALA A 70 -15.66 6.02 15.35
N HIS A 71 -14.88 6.07 14.27
CA HIS A 71 -14.44 4.83 13.62
C HIS A 71 -13.63 3.96 14.57
N SER A 72 -12.76 4.58 15.37
CA SER A 72 -11.99 3.82 16.36
C SER A 72 -12.91 3.12 17.37
N GLN A 73 -13.91 3.85 17.88
CA GLN A 73 -14.82 3.28 18.87
C GLN A 73 -15.65 2.15 18.28
N THR A 74 -16.19 2.36 17.07
CA THR A 74 -17.00 1.33 16.44
C THR A 74 -16.16 0.10 16.14
N HIS A 75 -14.89 0.28 15.74
CA HIS A 75 -14.03 -0.88 15.52
C HIS A 75 -13.77 -1.63 16.82
N ARG A 76 -13.51 -0.90 17.91
CA ARG A 76 -13.30 -1.59 19.18
C ARG A 76 -14.53 -2.43 19.55
N VAL A 77 -15.73 -1.87 19.36
CA VAL A 77 -16.93 -2.64 19.66
C VAL A 77 -17.06 -3.83 18.71
N ASP A 78 -16.70 -3.64 17.43
CA ASP A 78 -16.76 -4.71 16.44
C ASP A 78 -15.83 -5.86 16.82
N LEU A 79 -14.70 -5.56 17.43
CA LEU A 79 -13.77 -6.61 17.84
C LEU A 79 -14.46 -7.59 18.79
N GLY A 80 -15.09 -7.07 19.84
CA GLY A 80 -15.80 -7.94 20.76
C GLY A 80 -17.01 -8.60 20.14
N THR A 81 -17.74 -7.87 19.27
CA THR A 81 -18.88 -8.46 18.59
C THR A 81 -18.48 -9.67 17.75
N LEU A 82 -17.40 -9.55 16.97
CA LEU A 82 -16.94 -10.67 16.16
C LEU A 82 -16.33 -11.76 17.02
N ARG A 83 -15.71 -11.40 18.14
CA ARG A 83 -15.28 -12.42 19.10
C ARG A 83 -16.48 -13.25 19.57
N GLY A 84 -17.62 -12.60 19.75
CA GLY A 84 -18.84 -13.34 20.09
C GLY A 84 -19.44 -14.12 18.95
N TYR A 85 -19.37 -13.60 17.72
CA TYR A 85 -19.97 -14.27 16.57
C TYR A 85 -19.30 -15.61 16.30
N TYR A 86 -17.98 -15.67 16.46
CA TYR A 86 -17.22 -16.88 16.20
C TYR A 86 -16.91 -17.66 17.47
N ASN A 87 -17.56 -17.33 18.59
CA ASN A 87 -17.36 -17.99 19.87
C ASN A 87 -15.88 -18.15 20.17
N GLN A 88 -15.19 -17.01 20.21
CA GLN A 88 -13.77 -16.95 20.47
C GLN A 88 -13.50 -16.36 21.84
N SER A 89 -12.41 -16.80 22.46
CA SER A 89 -12.04 -16.33 23.78
C SER A 89 -11.31 -14.99 23.69
N GLU A 90 -11.03 -14.42 24.85
CA GLU A 90 -10.33 -13.15 24.95
C GLU A 90 -8.82 -13.32 24.95
N ALA A 91 -8.31 -14.56 24.89
CA ALA A 91 -6.87 -14.77 24.93
C ALA A 91 -6.21 -14.34 23.62
N GLY A 92 -6.87 -14.60 22.49
CA GLY A 92 -6.25 -14.32 21.21
C GLY A 92 -6.32 -12.86 20.82
N SER A 93 -5.35 -12.46 20.00
CA SER A 93 -5.33 -11.13 19.39
C SER A 93 -5.94 -11.22 18.00
N HIS A 94 -6.87 -10.31 17.71
CA HIS A 94 -7.60 -10.33 16.45
C HIS A 94 -7.55 -8.96 15.80
N THR A 95 -7.75 -8.96 14.48
CA THR A 95 -7.61 -7.76 13.66
C THR A 95 -8.88 -7.55 12.85
N VAL A 96 -9.44 -6.35 12.90
CA VAL A 96 -10.55 -5.95 12.06
C VAL A 96 -10.09 -4.82 11.16
N GLN A 97 -10.39 -4.91 9.87
CA GLN A 97 -10.01 -3.92 8.90
C GLN A 97 -11.24 -3.42 8.15
N ARG A 98 -11.26 -2.14 7.84
CA ARG A 98 -12.36 -1.51 7.13
C ARG A 98 -11.78 -0.62 6.04
N MET A 99 -12.36 -0.67 4.85
CA MET A 99 -11.92 0.20 3.78
C MET A 99 -13.12 0.74 3.04
N TYR A 100 -13.10 2.02 2.71
CA TYR A 100 -14.16 2.55 1.86
C TYR A 100 -13.63 3.71 1.04
N GLY A 101 -14.33 4.02 -0.05
CA GLY A 101 -13.88 5.10 -0.91
C GLY A 101 -14.66 5.14 -2.20
N CYS A 102 -14.17 5.99 -3.12
CA CYS A 102 -14.87 6.22 -4.38
C CYS A 102 -13.87 6.49 -5.51
N ASP A 103 -14.26 6.11 -6.72
CA ASP A 103 -13.49 6.33 -7.93
C ASP A 103 -14.22 7.29 -8.87
N VAL A 104 -13.44 8.10 -9.59
CA VAL A 104 -13.97 8.94 -10.65
C VAL A 104 -13.15 8.72 -11.90
N GLY A 105 -13.78 8.92 -13.06
CA GLY A 105 -13.10 8.79 -14.33
C GLY A 105 -12.27 10.01 -14.65
N SER A 106 -11.69 10.00 -15.86
CA SER A 106 -10.89 11.15 -16.29
C SER A 106 -11.76 12.40 -16.41
N ASP A 107 -13.06 12.25 -16.63
CA ASP A 107 -14.01 13.35 -16.59
C ASP A 107 -14.39 13.75 -15.17
N TRP A 108 -13.84 13.07 -14.15
CA TRP A 108 -14.16 13.28 -12.74
C TRP A 108 -15.61 12.93 -12.42
N ARG A 109 -16.28 12.18 -13.29
CA ARG A 109 -17.61 11.66 -13.00
C ARG A 109 -17.49 10.42 -12.12
N PHE A 110 -18.46 10.23 -11.23
CA PHE A 110 -18.45 9.08 -10.33
C PHE A 110 -18.43 7.78 -11.13
N LEU A 111 -17.56 6.85 -10.72
CA LEU A 111 -17.43 5.55 -11.37
C LEU A 111 -17.95 4.43 -10.50
N ARG A 112 -17.29 4.24 -9.37
CA ARG A 112 -17.71 3.20 -8.41
C ARG A 112 -17.36 3.58 -6.97
N GLY A 113 -18.11 3.03 -6.05
CA GLY A 113 -17.90 3.20 -4.60
C GLY A 113 -17.58 1.85 -3.99
N TYR A 114 -16.80 1.87 -2.91
CA TYR A 114 -16.36 0.63 -2.23
C TYR A 114 -16.54 0.76 -0.71
N HIS A 115 -17.03 -0.31 -0.06
CA HIS A 115 -17.12 -0.34 1.42
C HIS A 115 -17.04 -1.78 1.88
N GLN A 116 -15.98 -2.17 2.55
CA GLN A 116 -15.87 -3.58 2.90
C GLN A 116 -15.08 -3.72 4.20
N TYR A 117 -15.32 -4.85 4.87
CA TYR A 117 -14.70 -5.22 6.13
C TYR A 117 -13.94 -6.53 5.97
N ALA A 118 -13.06 -6.79 6.94
CA ALA A 118 -12.35 -8.06 7.03
C ALA A 118 -12.01 -8.33 8.49
N TYR A 119 -11.98 -9.61 8.85
CA TYR A 119 -11.68 -10.05 10.20
C TYR A 119 -10.58 -11.09 10.14
N ASP A 120 -9.48 -10.84 10.84
CA ASP A 120 -8.32 -11.73 10.86
C ASP A 120 -7.84 -12.08 9.45
N GLY A 121 -7.73 -11.05 8.61
CA GLY A 121 -7.16 -11.20 7.28
C GLY A 121 -8.07 -11.85 6.28
N LYS A 122 -9.35 -12.00 6.63
CA LYS A 122 -10.28 -12.80 5.84
C LYS A 122 -11.50 -11.95 5.53
N ASP A 123 -11.97 -12.02 4.29
CA ASP A 123 -13.13 -11.22 3.87
C ASP A 123 -14.31 -11.48 4.79
N TYR A 124 -15.03 -10.41 5.13
CA TYR A 124 -16.19 -10.51 6.00
C TYR A 124 -17.46 -10.02 5.28
N ILE A 125 -17.59 -8.74 5.01
CA ILE A 125 -18.77 -8.22 4.33
C ILE A 125 -18.33 -7.13 3.36
N ALA A 126 -19.11 -6.94 2.31
CA ALA A 126 -18.75 -5.94 1.32
C ALA A 126 -20.00 -5.39 0.65
N LEU A 127 -19.94 -4.12 0.26
CA LEU A 127 -21.00 -3.52 -0.54
C LEU A 127 -20.92 -4.07 -1.96
N LYS A 128 -22.06 -4.47 -2.51
CA LYS A 128 -22.07 -4.98 -3.88
C LYS A 128 -21.94 -3.83 -4.87
N GLU A 129 -21.68 -4.18 -6.13
CA GLU A 129 -21.39 -3.16 -7.13
C GLU A 129 -22.58 -2.25 -7.39
N ASP A 130 -23.80 -2.78 -7.26
CA ASP A 130 -24.98 -1.95 -7.48
C ASP A 130 -25.19 -0.90 -6.40
N LEU A 131 -24.38 -0.92 -5.33
CA LEU A 131 -24.49 0.01 -4.20
C LEU A 131 -25.85 -0.07 -3.52
N ARG A 132 -26.55 -1.20 -3.68
CA ARG A 132 -27.87 -1.38 -3.11
C ARG A 132 -27.97 -2.50 -2.10
N SER A 133 -27.04 -3.45 -2.12
CA SER A 133 -27.12 -4.63 -1.27
C SER A 133 -25.72 -5.02 -0.81
N TRP A 134 -25.65 -6.06 -0.01
CA TRP A 134 -24.40 -6.50 0.59
C TRP A 134 -24.13 -7.96 0.24
N THR A 135 -22.84 -8.29 0.14
CA THR A 135 -22.39 -9.67 0.03
C THR A 135 -21.67 -10.05 1.32
N ALA A 136 -22.12 -11.14 1.93
CA ALA A 136 -21.57 -11.63 3.18
C ALA A 136 -20.73 -12.87 2.92
N ALA A 137 -19.58 -12.94 3.58
CA ALA A 137 -18.61 -14.02 3.34
C ALA A 137 -18.87 -15.26 4.17
N ASP A 138 -19.65 -15.16 5.24
CA ASP A 138 -20.00 -16.31 6.07
C ASP A 138 -21.31 -16.01 6.78
N MET A 139 -21.66 -16.85 7.74
CA MET A 139 -22.94 -16.79 8.41
C MET A 139 -22.99 -15.79 9.57
N ALA A 140 -21.86 -15.30 10.05
CA ALA A 140 -21.90 -14.17 10.96
C ALA A 140 -22.06 -12.85 10.18
N ALA A 141 -21.33 -12.73 9.08
CA ALA A 141 -21.57 -11.61 8.17
C ALA A 141 -23.00 -11.60 7.68
N GLN A 142 -23.69 -12.75 7.66
CA GLN A 142 -25.11 -12.74 7.33
C GLN A 142 -25.92 -11.98 8.37
N THR A 143 -25.60 -12.17 9.66
CA THR A 143 -26.27 -11.41 10.71
C THR A 143 -25.94 -9.93 10.60
N THR A 144 -24.68 -9.62 10.29
CA THR A 144 -24.31 -8.22 10.06
C THR A 144 -25.11 -7.62 8.91
N LYS A 145 -25.26 -8.38 7.83
CA LYS A 145 -26.01 -7.89 6.67
C LYS A 145 -27.49 -7.70 7.00
N HIS A 146 -28.05 -8.59 7.81
CA HIS A 146 -29.43 -8.40 8.25
C HIS A 146 -29.58 -7.12 9.06
N LYS A 147 -28.66 -6.89 9.99
CA LYS A 147 -28.67 -5.64 10.76
C LYS A 147 -28.57 -4.43 9.84
N TRP A 148 -27.69 -4.49 8.84
CA TRP A 148 -27.46 -3.33 7.99
C TRP A 148 -28.63 -3.09 7.03
N GLU A 149 -29.25 -4.16 6.53
CA GLU A 149 -30.43 -4.01 5.70
C GLU A 149 -31.59 -3.44 6.50
N ALA A 150 -31.74 -3.87 7.75
CA ALA A 150 -32.78 -3.31 8.60
C ALA A 150 -32.60 -1.81 8.80
N ALA A 151 -31.37 -1.37 9.05
CA ALA A 151 -31.09 0.04 9.29
C ALA A 151 -30.97 0.85 8.00
N HIS A 152 -31.14 0.24 6.84
CA HIS A 152 -31.02 0.94 5.55
C HIS A 152 -29.67 1.63 5.44
N VAL A 153 -28.60 0.92 5.83
CA VAL A 153 -27.26 1.47 5.75
C VAL A 153 -26.85 1.73 4.30
N ALA A 154 -27.35 0.91 3.37
CA ALA A 154 -26.92 1.00 1.98
C ALA A 154 -27.26 2.35 1.38
N GLU A 155 -28.44 2.89 1.72
CA GLU A 155 -28.85 4.17 1.16
C GLU A 155 -27.98 5.31 1.66
N GLN A 156 -27.69 5.34 2.96
CA GLN A 156 -26.82 6.38 3.51
C GLN A 156 -25.40 6.26 2.95
N LEU A 157 -24.93 5.03 2.79
CA LEU A 157 -23.60 4.83 2.22
C LEU A 157 -23.55 5.27 0.75
N ARG A 158 -24.59 4.96 -0.02
CA ARG A 158 -24.62 5.38 -1.41
C ARG A 158 -24.71 6.90 -1.52
N ALA A 159 -25.44 7.54 -0.60
CA ALA A 159 -25.47 9.00 -0.58
C ALA A 159 -24.09 9.57 -0.29
N TYR A 160 -23.35 8.97 0.64
CA TYR A 160 -21.99 9.41 0.90
C TYR A 160 -21.09 9.20 -0.31
N LEU A 161 -21.20 8.04 -0.97
CA LEU A 161 -20.28 7.69 -2.04
C LEU A 161 -20.53 8.49 -3.30
N GLU A 162 -21.79 8.83 -3.59
CA GLU A 162 -22.10 9.65 -4.74
C GLU A 162 -22.13 11.14 -4.42
N GLY A 163 -21.95 11.50 -3.15
CA GLY A 163 -22.01 12.90 -2.75
C GLY A 163 -20.74 13.43 -2.12
N THR A 164 -20.61 13.27 -0.81
CA THR A 164 -19.48 13.85 -0.08
C THR A 164 -18.16 13.29 -0.60
N CYS A 165 -18.08 11.98 -0.86
CA CYS A 165 -16.83 11.35 -1.25
C CYS A 165 -16.30 11.95 -2.54
N VAL A 166 -17.12 11.95 -3.59
CA VAL A 166 -16.67 12.42 -4.90
C VAL A 166 -16.41 13.92 -4.88
N GLU A 167 -17.27 14.68 -4.20
CA GLU A 167 -17.08 16.14 -4.14
C GLU A 167 -15.78 16.50 -3.43
N TRP A 168 -15.48 15.83 -2.32
CA TRP A 168 -14.24 16.16 -1.61
C TRP A 168 -13.02 15.58 -2.30
N LEU A 169 -13.16 14.47 -3.04
CA LEU A 169 -12.08 14.02 -3.89
C LEU A 169 -11.74 15.05 -4.96
N ARG A 170 -12.78 15.62 -5.60
CA ARG A 170 -12.55 16.69 -6.57
C ARG A 170 -11.88 17.89 -5.91
N ARG A 171 -12.34 18.26 -4.72
CA ARG A 171 -11.74 19.37 -4.00
C ARG A 171 -10.26 19.13 -3.74
N TYR A 172 -9.88 17.92 -3.35
CA TYR A 172 -8.45 17.63 -3.07
C TYR A 172 -7.63 17.60 -4.35
N LEU A 173 -8.20 17.12 -5.43
CA LEU A 173 -7.47 17.10 -6.72
C LEU A 173 -7.24 18.53 -7.23
N GLU A 174 -8.09 19.48 -6.90
CA GLU A 174 -7.87 20.85 -7.36
C GLU A 174 -6.94 21.57 -6.39
N ASN A 175 -7.07 21.35 -5.09
CA ASN A 175 -6.20 22.06 -4.14
C ASN A 175 -4.79 21.50 -4.22
N GLY A 176 -4.66 20.22 -4.49
CA GLY A 176 -3.35 19.62 -4.69
C GLY A 176 -3.02 19.39 -6.15
N LYS A 177 -3.47 20.30 -7.02
CA LYS A 177 -3.27 20.15 -8.46
C LYS A 177 -1.80 19.99 -8.81
N GLU A 178 -0.91 20.69 -8.09
CA GLU A 178 0.51 20.65 -8.41
C GLU A 178 1.12 19.27 -8.21
N THR A 179 0.55 18.45 -7.33
CA THR A 179 1.11 17.15 -7.02
C THR A 179 0.15 15.99 -7.27
N LEU A 180 -1.16 16.18 -7.14
CA LEU A 180 -2.10 15.10 -7.38
C LEU A 180 -2.36 14.89 -8.86
N GLN A 181 -2.40 15.97 -9.64
CA GLN A 181 -2.69 15.87 -11.07
C GLN A 181 -1.43 15.81 -11.93
N ARG A 182 -0.25 15.90 -11.32
CA ARG A 182 0.97 15.75 -12.11
C ARG A 182 1.12 14.29 -12.54
N THR A 183 1.94 14.08 -13.56
CA THR A 183 2.30 12.74 -13.99
C THR A 183 3.79 12.69 -14.24
N ASP A 184 4.48 11.85 -13.47
CA ASP A 184 5.93 11.67 -13.59
C ASP A 184 6.18 10.43 -14.45
N ALA A 185 6.78 10.65 -15.62
CA ALA A 185 7.11 9.52 -16.50
C ALA A 185 8.17 8.64 -15.85
N PRO A 186 8.14 7.35 -16.13
CA PRO A 186 9.20 6.47 -15.61
C PRO A 186 10.54 6.68 -16.31
N LYS A 187 11.55 7.11 -15.57
CA LYS A 187 12.90 7.14 -16.08
C LYS A 187 13.41 5.71 -16.17
N THR A 188 13.67 5.24 -17.39
CA THR A 188 14.07 3.82 -17.58
C THR A 188 15.54 3.69 -17.96
N HIS A 189 16.10 2.51 -17.69
CA HIS A 189 17.51 2.13 -17.99
C HIS A 189 17.63 0.61 -17.93
N MET A 190 18.67 0.03 -18.54
CA MET A 190 18.85 -1.44 -18.55
C MET A 190 20.24 -1.81 -17.99
N THR A 191 20.29 -2.93 -17.26
CA THR A 191 21.52 -3.46 -16.65
C THR A 191 21.80 -4.85 -17.23
N HIS A 192 23.07 -5.23 -17.31
CA HIS A 192 23.50 -6.51 -17.86
C HIS A 192 24.41 -7.19 -16.85
N HIS A 193 24.17 -8.47 -16.58
CA HIS A 193 24.97 -9.21 -15.60
C HIS A 193 25.18 -10.63 -16.08
N ALA A 194 26.44 -11.03 -16.27
CA ALA A 194 26.72 -12.41 -16.68
C ALA A 194 26.50 -13.36 -15.51
N VAL A 195 25.62 -14.35 -15.70
CA VAL A 195 25.37 -15.35 -14.69
C VAL A 195 26.20 -16.62 -14.91
N SER A 196 26.67 -16.86 -16.14
CA SER A 196 27.54 -17.98 -16.46
C SER A 196 28.31 -17.63 -17.73
N ASP A 197 29.08 -18.58 -18.25
CA ASP A 197 29.85 -18.32 -19.45
C ASP A 197 28.99 -18.26 -20.70
N HIS A 198 27.75 -18.75 -20.63
CA HIS A 198 26.87 -18.83 -21.79
C HIS A 198 25.54 -18.12 -21.59
N GLU A 199 25.30 -17.53 -20.43
CA GLU A 199 24.02 -16.87 -20.15
C GLU A 199 24.24 -15.56 -19.42
N ALA A 200 23.30 -14.63 -19.59
CA ALA A 200 23.36 -13.33 -18.95
C ALA A 200 21.96 -12.93 -18.49
N THR A 201 21.89 -11.85 -17.72
CA THR A 201 20.64 -11.33 -17.17
C THR A 201 20.48 -9.88 -17.59
N LEU A 202 19.37 -9.58 -18.24
CA LEU A 202 19.02 -8.22 -18.63
C LEU A 202 17.90 -7.74 -17.71
N ARG A 203 18.13 -6.62 -17.04
CA ARG A 203 17.17 -6.04 -16.10
C ARG A 203 16.84 -4.62 -16.54
N CYS A 204 15.57 -4.37 -16.86
CA CYS A 204 15.14 -3.02 -17.21
C CYS A 204 14.41 -2.40 -16.02
N TRP A 205 14.79 -1.16 -15.72
CA TRP A 205 14.34 -0.40 -14.57
C TRP A 205 13.45 0.76 -15.03
N ALA A 206 12.36 0.96 -14.31
CA ALA A 206 11.52 2.17 -14.37
C ALA A 206 11.53 2.79 -12.99
N LEU A 207 11.96 4.05 -12.90
CA LEU A 207 12.17 4.72 -11.62
C LEU A 207 11.55 6.10 -11.63
N SER A 208 11.15 6.56 -10.44
CA SER A 208 10.68 7.93 -10.24
C SER A 208 9.44 8.24 -11.06
N PHE A 209 8.47 7.32 -11.02
CA PHE A 209 7.22 7.51 -11.74
C PHE A 209 6.06 7.65 -10.76
N TYR A 210 5.02 8.36 -11.21
CA TYR A 210 3.80 8.55 -10.47
C TYR A 210 2.71 8.70 -11.52
N PRO A 211 1.55 8.05 -11.35
CA PRO A 211 1.19 7.16 -10.23
C PRO A 211 1.89 5.81 -10.27
N ALA A 212 1.55 4.92 -9.35
CA ALA A 212 2.25 3.65 -9.23
C ALA A 212 1.89 2.66 -10.34
N GLU A 213 0.75 2.82 -10.98
CA GLU A 213 0.33 1.90 -12.03
C GLU A 213 1.32 1.93 -13.19
N ILE A 214 1.90 0.78 -13.51
CA ILE A 214 2.90 0.65 -14.56
C ILE A 214 2.88 -0.78 -15.08
N THR A 215 3.32 -0.96 -16.32
CA THR A 215 3.39 -2.30 -16.92
C THR A 215 4.76 -2.48 -17.56
N LEU A 216 5.49 -3.51 -17.12
CA LEU A 216 6.78 -3.89 -17.70
C LEU A 216 6.67 -5.29 -18.26
N THR A 217 6.87 -5.44 -19.57
CA THR A 217 6.83 -6.74 -20.21
C THR A 217 8.13 -7.00 -20.97
N TRP A 218 8.45 -8.27 -21.15
CA TRP A 218 9.58 -8.68 -21.96
C TRP A 218 9.09 -9.37 -23.23
N GLN A 219 9.78 -9.10 -24.33
CA GLN A 219 9.50 -9.74 -25.60
C GLN A 219 10.79 -10.35 -26.15
N ARG A 220 10.67 -11.56 -26.67
CA ARG A 220 11.73 -12.22 -27.42
C ARG A 220 11.26 -12.34 -28.86
N ASP A 221 12.06 -11.81 -29.79
CA ASP A 221 11.73 -11.86 -31.21
C ASP A 221 10.37 -11.22 -31.50
N GLY A 222 9.93 -10.37 -30.58
CA GLY A 222 8.66 -9.65 -30.75
C GLY A 222 7.48 -10.37 -30.15
N GLU A 223 7.73 -11.44 -29.41
CA GLU A 223 6.63 -12.24 -28.83
C GLU A 223 6.76 -12.12 -27.32
N ASP A 224 5.63 -12.02 -26.62
CA ASP A 224 5.65 -11.91 -25.13
C ASP A 224 6.46 -13.07 -24.56
N GLN A 225 7.22 -12.82 -23.49
CA GLN A 225 8.04 -13.88 -22.89
C GLN A 225 7.86 -13.90 -21.37
N THR A 226 7.63 -15.08 -20.81
CA THR A 226 7.53 -15.26 -19.36
C THR A 226 8.39 -16.40 -18.84
N GLN A 227 9.14 -17.09 -19.71
CA GLN A 227 9.82 -18.32 -19.31
C GLN A 227 10.88 -18.06 -18.23
N ASP A 228 11.87 -17.24 -18.56
CA ASP A 228 12.98 -16.94 -17.65
C ASP A 228 12.92 -15.51 -17.14
N THR A 229 11.72 -14.98 -16.96
CA THR A 229 11.51 -13.60 -16.53
C THR A 229 11.26 -13.53 -15.04
N GLU A 230 11.42 -12.33 -14.48
CA GLU A 230 11.17 -12.08 -13.08
C GLU A 230 10.80 -10.62 -12.88
N LEU A 231 9.66 -10.38 -12.25
CA LEU A 231 9.21 -9.04 -11.92
C LEU A 231 9.11 -8.86 -10.40
N VAL A 232 9.43 -7.67 -9.94
CA VAL A 232 9.23 -7.31 -8.54
C VAL A 232 7.98 -6.46 -8.44
N GLU A 233 7.31 -6.55 -7.29
CA GLU A 233 6.19 -5.68 -7.00
C GLU A 233 6.63 -4.21 -7.09
N THR A 234 5.74 -3.36 -7.58
CA THR A 234 5.99 -1.93 -7.57
C THR A 234 6.20 -1.47 -6.13
N ARG A 235 7.29 -0.72 -5.92
CA ARG A 235 7.74 -0.35 -4.59
C ARG A 235 7.89 1.16 -4.48
N PRO A 236 7.63 1.73 -3.30
CA PRO A 236 7.76 3.19 -3.15
C PRO A 236 9.22 3.60 -2.98
N ALA A 237 9.59 4.67 -3.68
CA ALA A 237 10.94 5.19 -3.51
C ALA A 237 11.10 5.90 -2.17
N GLY A 238 10.02 6.49 -1.65
CA GLY A 238 10.04 7.23 -0.41
C GLY A 238 9.89 8.73 -0.58
N ASP A 239 10.23 9.26 -1.76
CA ASP A 239 10.04 10.68 -2.06
C ASP A 239 8.73 10.95 -2.78
N GLY A 240 7.80 10.00 -2.75
CA GLY A 240 6.52 10.16 -3.40
C GLY A 240 6.38 9.49 -4.75
N THR A 241 7.47 8.98 -5.32
CA THR A 241 7.44 8.26 -6.59
C THR A 241 7.59 6.76 -6.34
N PHE A 242 7.67 6.00 -7.44
CA PHE A 242 7.72 4.54 -7.36
C PHE A 242 8.81 3.98 -8.25
N GLN A 243 9.12 2.70 -8.02
CA GLN A 243 10.17 1.98 -8.72
C GLN A 243 9.69 0.59 -9.09
N LYS A 244 10.25 0.06 -10.17
CA LYS A 244 9.97 -1.31 -10.59
C LYS A 244 11.04 -1.74 -11.58
N TRP A 245 11.28 -3.05 -11.64
CA TRP A 245 12.17 -3.56 -12.66
C TRP A 245 11.72 -4.95 -13.06
N ALA A 246 12.15 -5.36 -14.26
CA ALA A 246 11.85 -6.68 -14.80
C ALA A 246 13.11 -7.24 -15.42
N ALA A 247 13.44 -8.48 -15.06
CA ALA A 247 14.66 -9.12 -15.52
C ALA A 247 14.32 -10.36 -16.33
N VAL A 248 15.28 -10.77 -17.16
CA VAL A 248 15.15 -11.96 -17.99
C VAL A 248 16.54 -12.55 -18.20
N VAL A 249 16.62 -13.88 -18.14
CA VAL A 249 17.86 -14.58 -18.42
C VAL A 249 17.88 -14.97 -19.89
N VAL A 250 18.96 -14.59 -20.58
CA VAL A 250 19.07 -14.76 -22.02
C VAL A 250 20.38 -15.51 -22.30
N PRO A 251 20.46 -16.15 -23.47
CA PRO A 251 21.76 -16.71 -23.90
C PRO A 251 22.70 -15.59 -24.32
N SER A 252 23.89 -15.58 -23.71
CA SER A 252 24.87 -14.53 -23.98
C SER A 252 25.20 -14.48 -25.46
N GLY A 253 25.08 -13.31 -26.06
CA GLY A 253 25.24 -13.13 -27.48
C GLY A 253 23.94 -12.97 -28.23
N GLN A 254 22.80 -13.15 -27.56
CA GLN A 254 21.48 -13.03 -28.16
C GLN A 254 20.66 -11.94 -27.49
N GLU A 255 21.34 -10.95 -26.91
CA GLU A 255 20.66 -9.89 -26.17
C GLU A 255 19.73 -9.08 -27.07
N GLN A 256 20.08 -8.93 -28.36
CA GLN A 256 19.30 -8.07 -29.23
C GLN A 256 17.93 -8.66 -29.56
N ARG A 257 17.72 -9.94 -29.30
CA ARG A 257 16.41 -10.55 -29.54
C ARG A 257 15.39 -10.12 -28.50
N TYR A 258 15.82 -9.55 -27.38
CA TYR A 258 14.95 -9.26 -26.25
C TYR A 258 14.74 -7.77 -26.12
N THR A 259 13.48 -7.39 -25.90
CA THR A 259 13.09 -6.00 -25.70
C THR A 259 12.24 -5.89 -24.45
N CYS A 260 12.35 -4.75 -23.77
CA CYS A 260 11.58 -4.45 -22.57
C CYS A 260 10.59 -3.34 -22.91
N HIS A 261 9.31 -3.59 -22.65
CA HIS A 261 8.24 -2.70 -23.03
C HIS A 261 7.61 -2.08 -21.79
N VAL A 262 7.58 -0.75 -21.75
CA VAL A 262 7.14 0.01 -20.58
C VAL A 262 5.89 0.78 -20.95
N GLN A 263 4.85 0.64 -20.14
CA GLN A 263 3.58 1.33 -20.33
C GLN A 263 3.22 2.08 -19.06
N HIS A 264 2.93 3.37 -19.20
CA HIS A 264 2.63 4.24 -18.07
C HIS A 264 1.82 5.43 -18.56
N GLU A 265 1.12 6.09 -17.63
CA GLU A 265 0.28 7.22 -17.99
C GLU A 265 1.10 8.44 -18.38
N GLY A 266 2.32 8.56 -17.87
CA GLY A 266 3.15 9.70 -18.19
C GLY A 266 3.87 9.62 -19.52
N LEU A 267 3.63 8.57 -20.28
CA LEU A 267 4.33 8.43 -21.58
C LEU A 267 3.34 8.42 -22.73
N PRO A 268 3.36 9.41 -23.66
CA PRO A 268 2.45 9.37 -24.82
C PRO A 268 2.56 8.07 -25.59
N LYS A 269 3.78 7.59 -25.84
CA LYS A 269 4.00 6.33 -26.50
C LYS A 269 4.73 5.38 -25.54
N PRO A 270 4.28 4.14 -25.40
CA PRO A 270 5.01 3.19 -24.55
C PRO A 270 6.44 3.00 -25.05
N LEU A 271 7.35 2.78 -24.11
CA LEU A 271 8.77 2.73 -24.40
C LEU A 271 9.21 1.31 -24.75
N THR A 272 10.18 1.22 -25.64
CA THR A 272 10.83 -0.04 -25.99
C THR A 272 12.33 0.11 -25.76
N LEU A 273 12.86 -0.70 -24.85
CA LEU A 273 14.27 -0.66 -24.48
C LEU A 273 14.94 -1.92 -25.00
N ARG A 274 16.04 -1.74 -25.72
CA ARG A 274 16.87 -2.82 -26.20
C ARG A 274 18.26 -2.65 -25.62
N TRP A 275 18.95 -3.76 -25.37
CA TRP A 275 20.24 -3.68 -24.69
C TRP A 275 21.25 -2.88 -25.52
N GLU A 276 21.23 -3.05 -26.84
CA GLU A 276 22.10 -2.27 -27.72
C GLU A 276 21.38 -1.91 -29.02
N MET B 1 -8.47 -18.43 10.31
CA MET B 1 -7.58 -17.28 10.39
C MET B 1 -6.56 -17.30 9.25
N ILE B 2 -6.44 -16.18 8.56
CA ILE B 2 -5.52 -16.05 7.43
C ILE B 2 -4.18 -15.55 7.94
N GLN B 3 -3.11 -16.11 7.39
CA GLN B 3 -1.76 -15.61 7.63
C GLN B 3 -1.03 -15.57 6.30
N ARG B 4 -0.33 -14.47 6.04
CA ARG B 4 0.38 -14.26 4.79
C ARG B 4 1.83 -13.90 5.10
N THR B 5 2.76 -14.50 4.35
CA THR B 5 4.18 -14.27 4.56
C THR B 5 4.61 -12.96 3.90
N PRO B 6 5.48 -12.19 4.54
CA PRO B 6 5.89 -10.90 3.96
C PRO B 6 6.87 -11.07 2.81
N LYS B 7 6.56 -10.42 1.69
CA LYS B 7 7.54 -10.19 0.64
C LYS B 7 8.42 -9.00 1.05
N ILE B 8 9.72 -9.11 0.76
CA ILE B 8 10.72 -8.17 1.26
C ILE B 8 11.55 -7.66 0.10
N GLN B 9 11.75 -6.34 0.05
CA GLN B 9 12.63 -5.72 -0.95
C GLN B 9 13.55 -4.72 -0.26
N VAL B 10 14.84 -4.79 -0.59
CA VAL B 10 15.84 -3.85 -0.06
C VAL B 10 16.42 -3.07 -1.23
N TYR B 11 16.40 -1.74 -1.11
CA TYR B 11 16.79 -0.92 -2.25
C TYR B 11 17.06 0.51 -1.78
N SER B 12 17.76 1.26 -2.63
CA SER B 12 18.01 2.66 -2.36
C SER B 12 16.95 3.53 -3.05
N ARG B 13 16.69 4.69 -2.45
CA ARG B 13 15.71 5.61 -3.04
C ARG B 13 16.20 6.12 -4.39
N HIS B 14 17.45 6.50 -4.48
CA HIS B 14 18.08 6.93 -5.72
C HIS B 14 19.13 5.93 -6.14
N PRO B 15 19.53 5.91 -7.41
CA PRO B 15 20.59 5.00 -7.85
C PRO B 15 21.84 5.16 -6.99
N ALA B 16 22.37 4.02 -6.53
CA ALA B 16 23.46 4.05 -5.56
C ALA B 16 24.69 4.73 -6.14
N GLU B 17 25.34 5.55 -5.32
CA GLU B 17 26.54 6.27 -5.73
C GLU B 17 27.46 6.36 -4.52
N ASN B 18 28.64 5.74 -4.62
CA ASN B 18 29.55 5.69 -3.48
C ASN B 18 29.97 7.09 -3.05
N GLY B 19 29.77 7.38 -1.76
CA GLY B 19 30.11 8.66 -1.20
C GLY B 19 28.99 9.68 -1.21
N LYS B 20 27.93 9.44 -1.98
CA LYS B 20 26.80 10.36 -2.07
C LYS B 20 25.67 9.89 -1.17
N SER B 21 25.10 10.81 -0.40
CA SER B 21 24.04 10.47 0.53
C SER B 21 22.83 9.92 -0.23
N ASN B 22 22.15 8.96 0.41
CA ASN B 22 20.99 8.32 -0.18
C ASN B 22 20.12 7.80 0.95
N PHE B 23 19.06 7.12 0.58
CA PHE B 23 18.12 6.54 1.55
C PHE B 23 18.04 5.04 1.33
N LEU B 24 18.19 4.30 2.40
CA LEU B 24 18.13 2.83 2.36
C LEU B 24 16.71 2.44 2.74
N ASN B 25 16.07 1.64 1.87
CA ASN B 25 14.65 1.28 2.05
C ASN B 25 14.42 -0.23 2.14
N CYS B 26 13.70 -0.63 3.20
CA CYS B 26 13.21 -2.01 3.28
C CYS B 26 11.70 -1.95 3.19
N TYR B 27 11.16 -2.47 2.09
CA TYR B 27 9.71 -2.49 1.86
C TYR B 27 9.22 -3.90 2.12
N VAL B 28 8.33 -4.04 3.11
CA VAL B 28 7.69 -5.32 3.40
C VAL B 28 6.23 -5.22 2.99
N SER B 29 5.72 -6.26 2.32
CA SER B 29 4.38 -6.18 1.77
C SER B 29 3.73 -7.55 1.79
N GLY B 30 2.39 -7.55 1.69
CA GLY B 30 1.66 -8.78 1.53
C GLY B 30 1.67 -9.70 2.74
N PHE B 31 1.77 -9.14 3.94
CA PHE B 31 1.83 -9.94 5.16
C PHE B 31 0.57 -9.73 5.99
N HIS B 32 0.30 -10.71 6.85
CA HIS B 32 -0.82 -10.69 7.80
C HIS B 32 -0.53 -11.69 8.91
N PRO B 33 -0.71 -11.31 10.19
CA PRO B 33 -1.23 -10.02 10.68
C PRO B 33 -0.20 -8.88 10.63
N SER B 34 -0.55 -7.74 11.23
CA SER B 34 0.24 -6.53 11.07
C SER B 34 1.47 -6.50 11.97
N ASP B 35 1.49 -7.27 13.06
CA ASP B 35 2.65 -7.30 13.94
C ASP B 35 3.86 -7.85 13.20
N ILE B 36 4.91 -7.03 13.08
CA ILE B 36 6.09 -7.38 12.28
C ILE B 36 7.30 -6.63 12.83
N GLU B 37 8.45 -7.28 12.77
CA GLU B 37 9.71 -6.67 13.21
C GLU B 37 10.61 -6.47 12.00
N VAL B 38 11.08 -5.24 11.80
CA VAL B 38 11.95 -4.88 10.69
C VAL B 38 13.12 -4.08 11.23
N ASP B 39 14.34 -4.47 10.83
CA ASP B 39 15.56 -3.80 11.23
C ASP B 39 16.45 -3.58 10.01
N LEU B 40 17.13 -2.44 9.99
CA LEU B 40 18.09 -2.13 8.95
C LEU B 40 19.50 -2.32 9.51
N LEU B 41 20.28 -3.19 8.89
CA LEU B 41 21.58 -3.59 9.40
C LEU B 41 22.69 -3.00 8.52
N LYS B 42 23.68 -2.41 9.16
CA LYS B 42 24.93 -2.01 8.51
C LYS B 42 26.03 -2.90 9.07
N ASN B 43 26.60 -3.75 8.20
CA ASN B 43 27.65 -4.69 8.59
C ASN B 43 27.22 -5.58 9.74
N GLY B 44 25.93 -5.90 9.81
CA GLY B 44 25.39 -6.76 10.83
C GLY B 44 24.89 -6.05 12.08
N GLU B 45 25.12 -4.74 12.20
CA GLU B 45 24.67 -3.99 13.36
C GLU B 45 23.42 -3.19 13.03
N ARG B 46 22.53 -3.08 14.00
CA ARG B 46 21.24 -2.43 13.79
C ARG B 46 21.40 -0.92 13.71
N ILE B 47 20.84 -0.33 12.67
CA ILE B 47 20.76 1.13 12.54
C ILE B 47 19.65 1.65 13.44
N GLU B 48 19.92 2.76 14.14
CA GLU B 48 19.03 3.24 15.19
C GLU B 48 18.00 4.24 14.69
N LYS B 49 18.34 5.07 13.72
CA LYS B 49 17.46 6.15 13.27
C LYS B 49 16.52 5.70 12.16
N VAL B 50 15.81 4.60 12.38
CA VAL B 50 14.97 4.00 11.34
C VAL B 50 13.55 4.51 11.49
N GLU B 51 13.01 5.10 10.43
CA GLU B 51 11.62 5.53 10.37
C GLU B 51 10.82 4.54 9.53
N HIS B 52 9.49 4.58 9.72
CA HIS B 52 8.60 3.74 8.94
C HIS B 52 7.33 4.50 8.63
N SER B 53 6.65 4.06 7.57
CA SER B 53 5.41 4.69 7.15
C SER B 53 4.25 4.20 8.01
N ASP B 54 3.09 4.83 7.82
CA ASP B 54 1.89 4.48 8.57
C ASP B 54 1.25 3.22 7.99
N LEU B 55 0.81 2.33 8.89
CA LEU B 55 0.29 1.03 8.48
C LEU B 55 -0.89 1.18 7.52
N SER B 56 -0.71 0.70 6.30
CA SER B 56 -1.77 0.62 5.31
C SER B 56 -1.85 -0.82 4.81
N PHE B 57 -2.79 -1.08 3.89
CA PHE B 57 -2.95 -2.43 3.38
C PHE B 57 -3.57 -2.37 1.98
N SER B 58 -3.47 -3.50 1.27
CA SER B 58 -3.90 -3.60 -0.12
C SER B 58 -5.36 -4.04 -0.19
N LYS B 59 -5.81 -4.39 -1.39
CA LYS B 59 -7.20 -4.78 -1.58
C LYS B 59 -7.49 -6.17 -1.00
N ASP B 60 -6.48 -7.05 -0.98
CA ASP B 60 -6.64 -8.36 -0.36
C ASP B 60 -6.40 -8.33 1.14
N TRP B 61 -6.34 -7.13 1.73
CA TRP B 61 -6.23 -6.87 3.17
C TRP B 61 -4.85 -7.15 3.74
N SER B 62 -3.88 -7.52 2.90
CA SER B 62 -2.52 -7.73 3.39
C SER B 62 -1.82 -6.39 3.57
N PHE B 63 -1.05 -6.27 4.64
CA PHE B 63 -0.45 -5.00 5.02
C PHE B 63 0.83 -4.73 4.24
N TYR B 64 1.26 -3.47 4.24
CA TYR B 64 2.55 -3.11 3.69
C TYR B 64 3.14 -1.95 4.45
N LEU B 65 4.45 -1.98 4.65
CA LEU B 65 5.18 -0.95 5.37
C LEU B 65 6.48 -0.67 4.65
N LEU B 66 6.96 0.56 4.78
CA LEU B 66 8.24 0.99 4.25
C LEU B 66 9.07 1.50 5.41
N TYR B 67 10.20 0.85 5.68
CA TYR B 67 11.18 1.32 6.64
C TYR B 67 12.32 1.96 5.88
N TYR B 68 12.85 3.07 6.42
CA TYR B 68 13.87 3.81 5.68
C TYR B 68 14.78 4.54 6.64
N THR B 69 16.03 4.71 6.20
CA THR B 69 16.99 5.50 6.95
C THR B 69 17.95 6.17 5.98
N GLU B 70 18.43 7.35 6.36
CA GLU B 70 19.47 8.03 5.58
C GLU B 70 20.80 7.30 5.76
N PHE B 71 21.51 7.07 4.66
CA PHE B 71 22.79 6.40 4.72
C PHE B 71 23.67 6.91 3.58
N THR B 72 24.91 6.45 3.56
CA THR B 72 25.87 6.78 2.51
C THR B 72 26.50 5.50 2.02
N PRO B 73 26.13 5.03 0.83
CA PRO B 73 26.70 3.76 0.34
C PRO B 73 28.18 3.91 0.04
N THR B 74 28.95 2.92 0.47
CA THR B 74 30.37 2.83 0.16
C THR B 74 30.65 1.48 -0.52
N GLU B 75 31.90 1.28 -0.92
CA GLU B 75 32.27 0.04 -1.58
C GLU B 75 32.48 -1.10 -0.58
N LYS B 76 32.72 -0.81 0.69
CA LYS B 76 33.00 -1.83 1.69
C LYS B 76 31.84 -2.13 2.62
N ASP B 77 30.96 -1.15 2.87
CA ASP B 77 29.87 -1.34 3.82
C ASP B 77 28.79 -2.25 3.24
N GLU B 78 28.41 -3.26 4.00
CA GLU B 78 27.32 -4.16 3.65
C GLU B 78 26.06 -3.74 4.38
N TYR B 79 24.96 -3.58 3.64
CA TYR B 79 23.68 -3.24 4.22
C TYR B 79 22.67 -4.35 3.96
N ALA B 80 21.73 -4.52 4.89
CA ALA B 80 20.72 -5.56 4.77
C ALA B 80 19.50 -5.17 5.59
N CYS B 81 18.47 -6.00 5.49
CA CYS B 81 17.22 -5.82 6.21
C CYS B 81 16.82 -7.14 6.84
N ARG B 82 16.59 -7.13 8.15
CA ARG B 82 16.19 -8.30 8.91
C ARG B 82 14.71 -8.19 9.25
N VAL B 83 13.93 -9.19 8.85
CA VAL B 83 12.49 -9.17 9.02
C VAL B 83 12.08 -10.42 9.78
N ASN B 84 11.24 -10.23 10.81
CA ASN B 84 10.69 -11.34 11.59
C ASN B 84 9.17 -11.17 11.63
N HIS B 85 8.47 -12.29 11.41
CA HIS B 85 7.02 -12.34 11.37
C HIS B 85 6.59 -13.68 11.95
N VAL B 86 5.28 -13.81 12.24
CA VAL B 86 4.77 -15.07 12.76
C VAL B 86 4.86 -16.17 11.72
N THR B 87 4.75 -15.82 10.44
CA THR B 87 4.83 -16.81 9.38
C THR B 87 6.27 -17.25 9.09
N LEU B 88 7.22 -16.48 9.57
CA LEU B 88 8.64 -16.80 9.32
C LEU B 88 9.24 -17.59 10.47
N SER B 89 9.57 -18.85 10.24
CA SER B 89 10.18 -19.67 11.30
C SER B 89 11.55 -19.11 11.62
N GLN B 90 12.37 -18.84 10.61
CA GLN B 90 13.70 -18.22 10.84
C GLN B 90 13.69 -16.81 10.23
N PRO B 91 14.04 -15.74 10.99
CA PRO B 91 14.03 -14.42 10.46
C PRO B 91 14.77 -14.37 9.11
N LYS B 92 14.23 -13.55 8.22
CA LYS B 92 14.80 -13.44 6.89
C LYS B 92 15.68 -12.19 6.81
N ILE B 93 16.92 -12.37 6.38
CA ILE B 93 17.83 -11.27 6.14
C ILE B 93 18.01 -11.14 4.63
N VAL B 94 17.60 -10.00 4.08
CA VAL B 94 17.76 -9.70 2.67
C VAL B 94 18.87 -8.67 2.56
N LYS B 95 19.96 -9.04 1.88
CA LYS B 95 21.10 -8.16 1.75
C LYS B 95 20.88 -7.19 0.60
N TRP B 96 21.32 -5.94 0.79
CA TRP B 96 21.09 -4.90 -0.19
C TRP B 96 21.98 -5.11 -1.41
N ASP B 97 21.36 -5.27 -2.57
CA ASP B 97 22.05 -5.34 -3.86
C ASP B 97 21.68 -4.09 -4.65
N ARG B 98 22.68 -3.26 -4.96
CA ARG B 98 22.42 -1.97 -5.57
C ARG B 98 21.83 -2.08 -6.97
N ASP B 99 21.85 -3.27 -7.58
CA ASP B 99 21.19 -3.50 -8.86
C ASP B 99 19.93 -4.34 -8.69
N MET B 100 19.31 -4.29 -7.51
CA MET B 100 18.04 -4.96 -7.28
C MET B 100 17.10 -4.09 -6.45
N LYS C 1 -12.81 13.56 2.80
CA LYS C 1 -13.72 13.68 3.93
C LYS C 1 -14.36 12.33 4.23
N GLN C 2 -14.40 11.97 5.51
CA GLN C 2 -14.84 10.64 5.93
C GLN C 2 -16.37 10.59 6.02
N TRP C 3 -16.86 9.41 6.38
CA TRP C 3 -18.29 9.13 6.43
C TRP C 3 -18.85 9.43 7.82
N LEU C 4 -20.10 9.86 7.87
CA LEU C 4 -20.67 10.40 9.09
C LEU C 4 -21.26 9.32 10.00
N VAL C 5 -21.71 8.21 9.44
CA VAL C 5 -22.60 7.29 10.15
C VAL C 5 -21.83 6.44 11.15
N TRP C 6 -22.45 6.21 12.31
CA TRP C 6 -21.92 5.38 13.39
C TRP C 6 -22.34 3.93 13.13
N LEU C 7 -21.48 3.19 12.43
CA LEU C 7 -21.84 1.87 11.93
C LEU C 7 -21.19 0.77 12.78
N LEU C 8 -21.98 -0.27 13.09
CA LEU C 8 -21.55 -1.37 13.93
C LEU C 8 -21.85 -2.70 13.26
N LEU C 9 -20.92 -3.64 13.40
CA LEU C 9 -21.09 -4.97 12.82
C LEU C 9 -22.12 -5.78 13.60
#